data_4J5S
#
_entry.id   4J5S
#
_cell.length_a   73.375
_cell.length_b   56.221
_cell.length_c   73.788
_cell.angle_alpha   90.00
_cell.angle_beta   94.47
_cell.angle_gamma   90.00
#
_symmetry.space_group_name_H-M   'P 1 21 1'
#
loop_
_entity.id
_entity.type
_entity.pdbx_description
1 polymer 'O-acetyl-ADP-ribose deacetylase 1'
2 non-polymer '[(2R,3S,4R,5R)-5-(6-AMINOPURIN-9-YL)-3,4-DIHYDROXY-OXOLAN-2-YL]METHYL [[(2R,3R)-2,3-DIHYDROXY-4-OXO-PENTOXY]-OXIDO-PHOSPHORYL] PHOSPHATE'
3 non-polymer 'BORATE ION'
4 non-polymer 'CHLORIDE ION'
5 non-polymer 1,2-ETHANEDIOL
6 non-polymer 1,3,2-DIOXABOROLAN-2-OL
7 water water
#
_entity_poly.entity_id   1
_entity_poly.type   'polypeptide(L)'
_entity_poly.pdbx_seq_one_letter_code
;GSHMGSRITYVKGDLFACPKTDSLAHCISEDCRMGAGIAVLFKKKFGGVQELLNQQKKSGEVAVLKRDGRYIYYLITKKR
ASHKPTYENLQKSLEAMKSHCLKNGVTDLSMPRIGCGLDRLQWENVSAMIEEVFEATDIKITVYTL
;
_entity_poly.pdbx_strand_id   A,B,C,D
#
# COMPACT_ATOMS: atom_id res chain seq x y z
N GLY A 1 21.92 29.95 -17.07
CA GLY A 1 21.44 28.60 -16.93
C GLY A 1 19.95 28.47 -17.11
N SER A 2 19.49 27.28 -17.46
N SER A 2 19.51 27.26 -17.42
CA SER A 2 18.07 27.05 -17.70
CA SER A 2 18.12 26.94 -17.76
C SER A 2 17.49 26.08 -16.69
C SER A 2 17.39 26.19 -16.63
N HIS A 3 18.02 26.12 -15.47
CA HIS A 3 17.55 25.23 -14.40
C HIS A 3 17.68 25.85 -13.02
N MET A 4 16.89 25.31 -12.10
CA MET A 4 16.90 25.77 -10.72
C MET A 4 17.88 24.99 -9.85
N GLY A 5 18.36 23.86 -10.35
CA GLY A 5 19.30 23.03 -9.63
C GLY A 5 18.67 22.21 -8.52
N SER A 6 19.52 21.53 -7.76
CA SER A 6 19.06 20.62 -6.71
C SER A 6 18.40 21.31 -5.51
N ARG A 7 18.78 22.56 -5.24
CA ARG A 7 18.24 23.29 -4.09
C ARG A 7 18.22 22.42 -2.84
N ILE A 8 19.36 21.80 -2.54
CA ILE A 8 19.43 20.86 -1.43
C ILE A 8 18.92 21.48 -0.15
N THR A 9 18.00 20.77 0.49
CA THR A 9 17.62 21.15 1.82
C THR A 9 17.78 19.95 2.73
N TYR A 10 17.89 20.23 4.02
CA TYR A 10 18.19 19.21 5.00
C TYR A 10 17.02 19.00 5.93
N VAL A 11 16.74 17.74 6.21
CA VAL A 11 15.71 17.37 7.16
C VAL A 11 16.33 16.44 8.21
N LYS A 12 16.19 16.81 9.47
N LYS A 12 16.14 16.76 9.48
CA LYS A 12 16.66 15.94 10.53
CA LYS A 12 16.67 15.98 10.60
C LYS A 12 15.67 14.81 10.62
C LYS A 12 15.76 14.81 10.92
N GLY A 13 16.18 13.60 10.56
CA GLY A 13 15.35 12.44 10.77
C GLY A 13 15.68 11.28 9.86
N ASP A 14 14.93 10.21 10.10
CA ASP A 14 15.04 8.98 9.34
C ASP A 14 14.64 9.21 7.90
N LEU A 15 15.53 8.83 6.99
CA LEU A 15 15.26 8.88 5.57
C LEU A 15 13.96 8.18 5.24
N PHE A 16 13.69 7.10 5.92
CA PHE A 16 12.55 6.27 5.53
C PHE A 16 11.22 6.84 5.99
N ALA A 17 11.27 7.98 6.68
CA ALA A 17 10.05 8.72 6.94
C ALA A 17 9.76 9.78 5.87
N CYS A 18 10.60 9.86 4.85
CA CYS A 18 10.35 10.80 3.75
C CYS A 18 9.14 10.34 2.92
N PRO A 19 8.68 11.21 2.00
CA PRO A 19 7.50 10.86 1.21
C PRO A 19 7.71 9.57 0.42
N LYS A 20 6.71 8.71 0.41
CA LYS A 20 6.83 7.43 -0.26
C LYS A 20 6.90 7.57 -1.77
N THR A 21 6.56 8.75 -2.29
CA THR A 21 6.65 9.01 -3.71
C THR A 21 8.01 9.60 -4.15
N ASP A 22 8.85 9.98 -3.19
CA ASP A 22 10.20 10.42 -3.54
C ASP A 22 11.03 9.24 -4.02
N SER A 23 11.93 9.46 -4.98
CA SER A 23 12.93 8.46 -5.28
C SER A 23 14.03 8.57 -4.23
N LEU A 24 14.77 7.48 -4.02
CA LEU A 24 15.78 7.43 -2.96
C LEU A 24 17.12 7.01 -3.54
N ALA A 25 18.21 7.36 -2.84
CA ALA A 25 19.55 6.95 -3.27
C ALA A 25 20.42 6.59 -2.09
N HIS A 26 21.31 5.61 -2.30
CA HIS A 26 22.37 5.32 -1.36
C HIS A 26 23.49 4.56 -2.07
N CYS A 27 24.61 4.32 -1.37
CA CYS A 27 25.80 3.73 -1.97
C CYS A 27 26.00 2.28 -1.57
N ILE A 28 26.35 1.45 -2.57
CA ILE A 28 26.72 0.07 -2.34
C ILE A 28 27.94 -0.32 -3.19
N SER A 29 28.38 -1.56 -3.02
CA SER A 29 29.44 -2.14 -3.83
C SER A 29 28.91 -3.10 -4.91
N GLU A 30 29.77 -3.49 -5.85
CA GLU A 30 29.39 -4.45 -6.86
C GLU A 30 28.91 -5.77 -6.26
N ASP A 31 29.40 -6.10 -5.05
CA ASP A 31 28.98 -7.33 -4.36
C ASP A 31 27.48 -7.36 -4.04
N CYS A 32 26.86 -6.21 -3.84
N CYS A 32 26.92 -6.19 -3.81
CA CYS A 32 25.44 -6.12 -3.46
CA CYS A 32 25.53 -6.09 -3.45
C CYS A 32 25.12 -6.81 -2.12
C CYS A 32 25.23 -6.96 -2.23
N ARG A 33 26.10 -6.88 -1.22
CA ARG A 33 25.92 -7.56 0.06
CA ARG A 33 25.92 -7.56 0.06
C ARG A 33 25.02 -6.77 1.01
N MET A 34 25.16 -5.45 0.99
CA MET A 34 24.35 -4.56 1.83
C MET A 34 24.24 -5.09 3.25
N GLY A 35 25.40 -5.37 3.84
CA GLY A 35 25.47 -6.02 5.13
C GLY A 35 25.63 -5.08 6.31
N ALA A 36 25.84 -3.80 6.05
CA ALA A 36 26.07 -2.85 7.13
C ALA A 36 25.49 -1.49 6.78
N GLY A 37 25.26 -0.68 7.82
CA GLY A 37 24.87 0.68 7.61
C GLY A 37 23.45 0.82 7.10
N ILE A 38 23.19 1.94 6.44
CA ILE A 38 21.86 2.21 5.94
C ILE A 38 21.52 1.23 4.85
N ALA A 39 22.52 0.65 4.19
CA ALA A 39 22.22 -0.33 3.14
C ALA A 39 21.37 -1.50 3.65
N VAL A 40 21.58 -1.88 4.90
N VAL A 40 21.54 -1.89 4.90
CA VAL A 40 20.83 -2.96 5.52
CA VAL A 40 20.80 -3.02 5.42
C VAL A 40 19.35 -2.66 5.47
C VAL A 40 19.32 -2.67 5.46
N LEU A 41 19.00 -1.42 5.76
CA LEU A 41 17.60 -0.96 5.74
C LEU A 41 17.03 -0.99 4.32
N PHE A 42 17.81 -0.57 3.32
CA PHE A 42 17.33 -0.66 1.95
C PHE A 42 17.10 -2.13 1.55
N LYS A 43 18.01 -3.00 1.95
CA LYS A 43 17.90 -4.41 1.62
C LYS A 43 16.63 -4.99 2.22
N LYS A 44 16.43 -4.74 3.51
CA LYS A 44 15.28 -5.29 4.23
C LYS A 44 13.95 -4.72 3.73
N LYS A 45 13.93 -3.45 3.37
CA LYS A 45 12.68 -2.83 2.95
C LYS A 45 12.31 -3.20 1.52
N PHE A 46 13.26 -2.99 0.61
CA PHE A 46 12.97 -3.07 -0.80
C PHE A 46 13.33 -4.40 -1.45
N GLY A 47 14.13 -5.23 -0.78
CA GLY A 47 14.47 -6.50 -1.36
C GLY A 47 15.13 -6.39 -2.72
N GLY A 48 14.74 -7.27 -3.64
CA GLY A 48 15.23 -7.19 -5.00
C GLY A 48 16.71 -7.46 -5.13
N VAL A 49 17.30 -8.16 -4.17
CA VAL A 49 18.73 -8.35 -4.19
C VAL A 49 19.18 -9.05 -5.48
N GLN A 50 18.52 -10.14 -5.86
CA GLN A 50 18.88 -10.83 -7.09
C GLN A 50 18.59 -9.99 -8.34
N GLU A 51 17.55 -9.18 -8.30
N GLU A 51 17.52 -9.22 -8.29
CA GLU A 51 17.26 -8.32 -9.42
CA GLU A 51 17.21 -8.26 -9.35
C GLU A 51 18.35 -7.26 -9.60
C GLU A 51 18.42 -7.37 -9.58
N LEU A 52 18.94 -6.81 -8.49
CA LEU A 52 20.10 -5.92 -8.56
C LEU A 52 21.31 -6.64 -9.13
N LEU A 53 21.60 -7.82 -8.60
CA LEU A 53 22.76 -8.58 -9.07
C LEU A 53 22.65 -8.83 -10.57
N ASN A 54 21.44 -9.12 -11.05
CA ASN A 54 21.21 -9.42 -12.46
C ASN A 54 21.54 -8.25 -13.38
N GLN A 55 21.55 -7.02 -12.84
CA GLN A 55 21.87 -5.84 -13.65
C GLN A 55 23.37 -5.74 -13.92
N GLN A 56 24.18 -6.48 -13.16
N GLN A 56 24.18 -6.48 -13.17
CA GLN A 56 25.63 -6.56 -13.38
CA GLN A 56 25.62 -6.54 -13.42
C GLN A 56 26.30 -5.19 -13.50
C GLN A 56 26.23 -5.15 -13.57
N LYS A 57 25.92 -4.28 -12.63
CA LYS A 57 26.47 -2.93 -12.66
C LYS A 57 27.84 -2.88 -11.98
N LYS A 58 28.68 -1.97 -12.50
CA LYS A 58 30.06 -1.86 -12.08
C LYS A 58 30.32 -0.53 -11.35
N SER A 59 31.48 -0.44 -10.72
CA SER A 59 31.84 0.80 -10.02
C SER A 59 31.70 1.96 -10.98
N GLY A 60 31.09 3.03 -10.48
CA GLY A 60 30.80 4.21 -11.26
C GLY A 60 29.48 4.19 -12.01
N GLU A 61 28.70 3.12 -11.81
CA GLU A 61 27.38 2.98 -12.42
C GLU A 61 26.31 3.01 -11.33
N VAL A 62 25.05 2.83 -11.72
CA VAL A 62 23.96 2.80 -10.76
C VAL A 62 23.02 1.65 -11.12
N ALA A 63 22.60 0.91 -10.10
CA ALA A 63 21.58 -0.12 -10.25
C ALA A 63 20.28 0.47 -9.73
N VAL A 64 19.15 -0.04 -10.20
N VAL A 64 19.15 -0.03 -10.21
CA VAL A 64 17.87 0.62 -9.95
CA VAL A 64 17.89 0.59 -9.86
C VAL A 64 16.75 -0.39 -9.69
C VAL A 64 16.79 -0.42 -9.64
N LEU A 65 15.95 -0.12 -8.66
CA LEU A 65 14.69 -0.86 -8.47
C LEU A 65 13.55 0.13 -8.58
N LYS A 66 12.48 -0.28 -9.25
CA LYS A 66 11.24 0.49 -9.22
C LYS A 66 10.38 -0.08 -8.10
N ARG A 67 9.99 0.80 -7.20
CA ARG A 67 9.20 0.41 -6.02
C ARG A 67 8.10 1.42 -5.83
N ASP A 68 6.86 0.95 -5.96
CA ASP A 68 5.68 1.79 -5.81
C ASP A 68 5.74 3.10 -6.59
N GLY A 69 6.11 2.95 -7.85
CA GLY A 69 6.01 4.05 -8.79
C GLY A 69 7.16 5.02 -8.77
N ARG A 70 8.13 4.80 -7.89
CA ARG A 70 9.31 5.64 -7.83
C ARG A 70 10.56 4.76 -7.87
N TYR A 71 11.74 5.37 -7.84
CA TYR A 71 12.95 4.60 -8.06
C TYR A 71 13.84 4.61 -6.83
N ILE A 72 14.49 3.46 -6.61
CA ILE A 72 15.49 3.30 -5.56
C ILE A 72 16.82 3.11 -6.27
N TYR A 73 17.72 4.06 -6.04
CA TYR A 73 19.01 4.08 -6.72
C TYR A 73 20.10 3.52 -5.80
N TYR A 74 20.83 2.55 -6.33
CA TYR A 74 21.93 1.87 -5.69
C TYR A 74 23.19 2.30 -6.41
N LEU A 75 23.88 3.30 -5.85
CA LEU A 75 25.06 3.89 -6.48
C LEU A 75 26.19 2.92 -6.29
N ILE A 76 26.74 2.39 -7.38
CA ILE A 76 27.78 1.36 -7.25
C ILE A 76 29.10 2.12 -7.20
N THR A 77 29.63 2.35 -6.00
CA THR A 77 30.77 3.24 -5.88
C THR A 77 32.12 2.55 -5.70
N LYS A 78 32.12 1.23 -5.61
CA LYS A 78 33.36 0.47 -5.41
C LYS A 78 33.10 -1.01 -5.72
N LYS A 79 34.17 -1.79 -5.87
CA LYS A 79 34.05 -3.17 -6.30
CA LYS A 79 34.06 -3.18 -6.30
C LYS A 79 33.65 -4.12 -5.17
N ARG A 80 34.37 -4.06 -4.07
CA ARG A 80 34.11 -4.98 -2.98
C ARG A 80 33.54 -4.23 -1.79
N ALA A 81 32.75 -4.95 -1.00
CA ALA A 81 32.07 -4.37 0.15
C ALA A 81 33.07 -3.71 1.11
N SER A 82 34.24 -4.31 1.26
CA SER A 82 35.21 -3.85 2.25
C SER A 82 36.07 -2.69 1.77
N HIS A 83 35.95 -2.34 0.50
CA HIS A 83 36.75 -1.26 -0.07
C HIS A 83 36.21 0.11 0.32
N LYS A 84 36.99 1.13 0.00
N LYS A 84 36.99 1.14 0.02
CA LYS A 84 36.55 2.52 0.13
CA LYS A 84 36.53 2.50 0.13
C LYS A 84 36.43 3.13 -1.26
C LYS A 84 36.36 3.06 -1.28
N PRO A 85 35.39 3.95 -1.48
CA PRO A 85 35.12 4.49 -2.81
C PRO A 85 36.06 5.65 -3.12
N THR A 86 36.33 5.86 -4.40
CA THR A 86 36.98 7.09 -4.83
C THR A 86 35.91 8.14 -5.12
N TYR A 87 36.29 9.40 -5.00
CA TYR A 87 35.36 10.47 -5.34
C TYR A 87 35.03 10.39 -6.83
N GLU A 88 35.97 9.94 -7.64
N GLU A 88 35.98 9.95 -7.65
CA GLU A 88 35.74 9.85 -9.08
CA GLU A 88 35.74 9.84 -9.09
C GLU A 88 34.64 8.84 -9.42
C GLU A 88 34.62 8.86 -9.39
N ASN A 89 34.62 7.71 -8.73
CA ASN A 89 33.58 6.71 -8.97
C ASN A 89 32.26 7.14 -8.40
N LEU A 90 32.29 7.85 -7.27
CA LEU A 90 31.04 8.39 -6.72
C LEU A 90 30.42 9.37 -7.72
N GLN A 91 31.24 10.25 -8.32
CA GLN A 91 30.73 11.23 -9.26
CA GLN A 91 30.71 11.23 -9.26
C GLN A 91 30.10 10.56 -10.48
N LYS A 92 30.76 9.51 -10.99
N LYS A 92 30.78 9.52 -10.99
CA LYS A 92 30.24 8.79 -12.13
CA LYS A 92 30.25 8.76 -12.12
C LYS A 92 28.91 8.10 -11.81
C LYS A 92 28.89 8.18 -11.78
N SER A 93 28.79 7.56 -10.62
CA SER A 93 27.52 6.94 -10.19
C SER A 93 26.41 7.99 -10.08
N LEU A 94 26.75 9.15 -9.52
CA LEU A 94 25.77 10.23 -9.38
C LEU A 94 25.30 10.70 -10.76
N GLU A 95 26.23 10.81 -11.69
N GLU A 95 26.23 10.83 -11.69
CA GLU A 95 25.93 11.19 -13.05
CA GLU A 95 25.88 11.21 -13.05
C GLU A 95 24.96 10.20 -13.70
C GLU A 95 24.95 10.20 -13.72
N ALA A 96 25.20 8.92 -13.46
CA ALA A 96 24.36 7.86 -14.00
C ALA A 96 22.96 7.93 -13.39
N MET A 97 22.89 8.22 -12.10
CA MET A 97 21.59 8.36 -11.45
C MET A 97 20.83 9.55 -12.04
N LYS A 98 21.52 10.67 -12.22
CA LYS A 98 20.90 11.84 -12.82
C LYS A 98 20.34 11.50 -14.20
N SER A 99 21.13 10.80 -14.99
CA SER A 99 20.69 10.43 -16.34
C SER A 99 19.41 9.62 -16.30
N HIS A 100 19.35 8.66 -15.36
CA HIS A 100 18.15 7.84 -15.24
C HIS A 100 16.96 8.67 -14.77
N CYS A 101 17.18 9.53 -13.79
CA CYS A 101 16.12 10.41 -13.32
C CYS A 101 15.50 11.16 -14.49
N LEU A 102 16.35 11.73 -15.35
CA LEU A 102 15.85 12.56 -16.44
C LEU A 102 15.14 11.75 -17.53
N LYS A 103 15.53 10.49 -17.68
CA LYS A 103 14.90 9.63 -18.66
CA LYS A 103 14.92 9.60 -18.65
C LYS A 103 13.58 9.07 -18.15
N ASN A 104 13.34 9.19 -16.85
CA ASN A 104 12.20 8.51 -16.23
C ASN A 104 11.29 9.37 -15.37
N GLY A 105 11.37 10.67 -15.52
CA GLY A 105 10.38 11.56 -14.94
C GLY A 105 10.55 11.85 -13.45
N VAL A 106 11.73 11.60 -12.90
CA VAL A 106 11.95 11.86 -11.48
C VAL A 106 12.13 13.35 -11.25
N THR A 107 11.39 13.89 -10.29
CA THR A 107 11.46 15.30 -9.94
C THR A 107 11.86 15.56 -8.47
N ASP A 108 11.69 14.57 -7.61
CA ASP A 108 11.92 14.71 -6.17
C ASP A 108 12.73 13.53 -5.67
N LEU A 109 13.92 13.80 -5.14
CA LEU A 109 14.89 12.77 -4.77
C LEU A 109 15.36 13.00 -3.32
N SER A 110 15.42 11.94 -2.52
CA SER A 110 15.87 12.02 -1.13
C SER A 110 17.00 11.04 -0.89
N MET A 111 17.90 11.40 0.01
CA MET A 111 19.06 10.58 0.29
C MET A 111 19.60 10.91 1.67
N PRO A 112 20.39 10.00 2.24
CA PRO A 112 21.13 10.31 3.46
C PRO A 112 22.44 11.03 3.09
N ARG A 113 23.34 11.23 4.05
N ARG A 113 23.34 11.22 4.05
CA ARG A 113 24.64 11.80 3.73
CA ARG A 113 24.65 11.78 3.75
C ARG A 113 25.52 10.71 3.13
C ARG A 113 25.53 10.70 3.13
N ILE A 114 25.24 10.39 1.87
CA ILE A 114 25.91 9.31 1.16
C ILE A 114 27.43 9.42 1.18
N GLY A 115 28.08 8.27 1.39
CA GLY A 115 29.52 8.18 1.38
C GLY A 115 30.18 8.60 2.68
N CYS A 116 29.44 9.22 3.58
CA CYS A 116 30.05 9.94 4.70
C CYS A 116 29.85 9.30 6.07
N GLY A 117 29.56 8.00 6.06
CA GLY A 117 29.58 7.23 7.28
C GLY A 117 30.59 6.13 7.16
N LEU A 118 30.14 4.92 6.86
CA LEU A 118 31.03 3.79 6.73
C LEU A 118 32.05 3.94 5.60
N ASP A 119 31.72 4.71 4.56
CA ASP A 119 32.67 4.93 3.47
C ASP A 119 33.67 6.07 3.70
N ARG A 120 33.49 6.81 4.80
N ARG A 120 33.53 6.79 4.81
CA ARG A 120 34.49 7.74 5.35
CA ARG A 120 34.56 7.72 5.31
C ARG A 120 34.78 9.01 4.53
C ARG A 120 34.88 8.92 4.41
N LEU A 121 33.98 9.27 3.50
CA LEU A 121 34.14 10.50 2.73
C LEU A 121 33.70 11.67 3.60
N GLN A 122 34.03 12.89 3.16
CA GLN A 122 33.66 14.10 3.88
C GLN A 122 32.50 14.78 3.19
N TRP A 123 31.53 15.16 4.00
CA TRP A 123 30.33 15.80 3.48
C TRP A 123 30.61 17.15 2.79
N GLU A 124 31.65 17.86 3.19
CA GLU A 124 32.03 19.07 2.48
C GLU A 124 32.18 18.78 0.99
N ASN A 125 32.90 17.70 0.68
N ASN A 125 32.87 17.68 0.70
CA ASN A 125 33.17 17.32 -0.70
CA ASN A 125 33.19 17.27 -0.66
C ASN A 125 31.96 16.70 -1.39
C ASN A 125 32.02 16.64 -1.40
N VAL A 126 31.27 15.80 -0.70
CA VAL A 126 30.17 15.09 -1.30
C VAL A 126 29.03 16.02 -1.61
N SER A 127 28.72 16.90 -0.67
CA SER A 127 27.65 17.84 -0.87
C SER A 127 27.91 18.74 -2.08
N ALA A 128 29.14 19.21 -2.24
CA ALA A 128 29.47 20.06 -3.37
C ALA A 128 29.35 19.28 -4.67
N MET A 129 29.70 18.01 -4.62
CA MET A 129 29.62 17.15 -5.79
C MET A 129 28.16 16.90 -6.22
N ILE A 130 27.29 16.60 -5.26
CA ILE A 130 25.89 16.40 -5.56
C ILE A 130 25.34 17.67 -6.19
N GLU A 131 25.66 18.81 -5.59
CA GLU A 131 25.17 20.08 -6.10
C GLU A 131 25.63 20.31 -7.56
N GLU A 132 26.89 20.02 -7.83
N GLU A 132 26.89 20.04 -7.83
CA GLU A 132 27.45 20.27 -9.15
CA GLU A 132 27.43 20.27 -9.17
C GLU A 132 26.86 19.31 -10.19
C GLU A 132 26.80 19.32 -10.19
N VAL A 133 26.69 18.05 -9.82
CA VAL A 133 26.11 17.08 -10.72
C VAL A 133 24.69 17.48 -11.10
N PHE A 134 23.93 17.98 -10.12
CA PHE A 134 22.52 18.29 -10.36
C PHE A 134 22.24 19.76 -10.67
N GLU A 135 23.30 20.55 -10.88
CA GLU A 135 23.11 21.98 -11.11
C GLU A 135 22.27 22.29 -12.35
N ALA A 136 22.43 21.49 -13.40
CA ALA A 136 21.70 21.73 -14.65
C ALA A 136 20.52 20.79 -14.77
N THR A 137 19.81 20.64 -13.64
CA THR A 137 18.55 19.91 -13.59
C THR A 137 17.56 20.68 -12.76
N ASP A 138 16.31 20.22 -12.79
CA ASP A 138 15.29 20.76 -11.90
C ASP A 138 14.78 19.66 -10.98
N ILE A 139 15.69 18.82 -10.52
CA ILE A 139 15.38 17.75 -9.57
C ILE A 139 15.66 18.25 -8.18
N LYS A 140 14.63 18.28 -7.34
N LYS A 140 14.62 18.28 -7.35
CA LYS A 140 14.75 18.79 -5.98
CA LYS A 140 14.73 18.76 -5.97
C LYS A 140 15.26 17.69 -5.06
C LYS A 140 15.28 17.66 -5.07
N ILE A 141 16.36 17.96 -4.37
CA ILE A 141 17.03 17.01 -3.50
C ILE A 141 16.86 17.37 -2.05
N THR A 142 16.49 16.37 -1.25
CA THR A 142 16.42 16.52 0.19
C THR A 142 17.37 15.52 0.82
N VAL A 143 18.17 16.01 1.76
CA VAL A 143 19.13 15.19 2.49
C VAL A 143 18.65 15.02 3.91
N TYR A 144 18.52 13.77 4.34
CA TYR A 144 18.08 13.42 5.69
C TYR A 144 19.29 13.20 6.55
N THR A 145 19.28 13.78 7.75
CA THR A 145 20.46 13.81 8.62
C THR A 145 20.16 13.27 10.00
N LEU A 146 21.18 12.66 10.62
CA LEU A 146 21.06 12.13 11.98
C LEU A 146 21.83 12.98 12.98
N SER B 6 25.48 -21.62 -3.93
CA SER B 6 24.47 -21.92 -2.92
C SER B 6 23.26 -20.99 -3.05
N ARG B 7 22.09 -21.58 -3.28
CA ARG B 7 20.88 -20.80 -3.43
C ARG B 7 20.41 -20.20 -2.09
N ILE B 8 20.78 -20.84 -0.97
CA ILE B 8 20.22 -20.50 0.35
C ILE B 8 21.10 -19.66 1.26
N THR B 9 20.52 -18.56 1.71
CA THR B 9 21.07 -17.73 2.75
C THR B 9 20.16 -17.84 3.98
N TYR B 10 20.76 -18.04 5.14
CA TYR B 10 20.02 -18.15 6.39
C TYR B 10 19.99 -16.82 7.13
N VAL B 11 18.79 -16.44 7.53
CA VAL B 11 18.57 -15.25 8.34
C VAL B 11 17.80 -15.64 9.60
N LYS B 12 18.28 -15.19 10.76
N LYS B 12 18.34 -15.22 10.74
CA LYS B 12 17.63 -15.50 12.03
CA LYS B 12 17.65 -15.38 11.98
C LYS B 12 16.62 -14.41 12.40
C LYS B 12 16.63 -14.28 12.06
N GLY B 13 15.36 -14.66 12.10
CA GLY B 13 14.28 -13.71 12.28
C GLY B 13 12.94 -14.21 11.76
N ASP B 14 11.91 -13.41 12.01
N ASP B 14 11.88 -13.44 12.02
CA ASP B 14 10.55 -13.65 11.55
CA ASP B 14 10.55 -13.74 11.56
C ASP B 14 10.45 -13.56 10.03
C ASP B 14 10.47 -13.59 10.05
N LEU B 15 9.96 -14.62 9.40
CA LEU B 15 9.75 -14.62 7.95
C LEU B 15 8.95 -13.40 7.52
N PHE B 16 7.98 -13.00 8.34
CA PHE B 16 7.07 -11.95 7.92
C PHE B 16 7.66 -10.55 7.99
N ALA B 17 8.91 -10.46 8.44
CA ALA B 17 9.65 -9.22 8.36
C ALA B 17 10.49 -9.13 7.08
N CYS B 18 10.40 -10.13 6.21
CA CYS B 18 11.17 -10.09 4.97
C CYS B 18 10.59 -9.06 4.00
N PRO B 19 11.31 -8.77 2.90
CA PRO B 19 10.80 -7.73 2.01
C PRO B 19 9.45 -8.08 1.42
N LYS B 20 8.54 -7.11 1.37
CA LYS B 20 7.21 -7.36 0.83
C LYS B 20 7.21 -7.74 -0.65
N THR B 21 8.31 -7.50 -1.35
CA THR B 21 8.40 -7.86 -2.76
C THR B 21 8.93 -9.29 -2.98
N ASP B 22 9.44 -9.94 -1.94
CA ASP B 22 9.87 -11.34 -2.04
C ASP B 22 8.65 -12.22 -2.22
N SER B 23 8.77 -13.25 -3.05
CA SER B 23 7.76 -14.31 -3.05
C SER B 23 8.03 -15.17 -1.82
N LEU B 24 7.00 -15.88 -1.35
CA LEU B 24 7.08 -16.65 -0.11
C LEU B 24 6.61 -18.07 -0.38
N ALA B 25 7.08 -19.01 0.43
CA ALA B 25 6.61 -20.40 0.33
C ALA B 25 6.45 -21.02 1.70
N HIS B 26 5.49 -21.95 1.81
CA HIS B 26 5.34 -22.81 2.98
C HIS B 26 4.52 -24.03 2.58
N CYS B 27 4.37 -24.98 3.49
CA CYS B 27 3.75 -26.28 3.20
C CYS B 27 2.37 -26.41 3.81
N ILE B 28 1.43 -26.96 3.04
CA ILE B 28 0.08 -27.24 3.55
C ILE B 28 -0.39 -28.58 2.99
N SER B 29 -1.57 -29.02 3.39
CA SER B 29 -2.14 -30.23 2.81
C SER B 29 -3.25 -29.91 1.81
N GLU B 30 -3.75 -30.94 1.13
CA GLU B 30 -4.81 -30.73 0.13
C GLU B 30 -6.04 -30.11 0.76
N ASP B 31 -6.23 -30.33 2.07
CA ASP B 31 -7.38 -29.80 2.83
C ASP B 31 -7.42 -28.29 2.88
N CYS B 32 -6.25 -27.65 2.84
N CYS B 32 -6.24 -27.69 2.89
CA CYS B 32 -6.15 -26.18 2.94
CA CYS B 32 -6.12 -26.25 2.97
C CYS B 32 -6.66 -25.58 4.27
C CYS B 32 -6.83 -25.71 4.20
N ARG B 33 -6.61 -26.35 5.34
CA ARG B 33 -7.15 -25.90 6.64
CA ARG B 33 -7.17 -25.89 6.62
C ARG B 33 -6.28 -24.83 7.30
N MET B 34 -4.97 -25.03 7.24
CA MET B 34 -4.02 -24.08 7.84
C MET B 34 -4.40 -23.69 9.27
N GLY B 35 -4.64 -24.68 10.12
CA GLY B 35 -5.07 -24.41 11.48
C GLY B 35 -3.99 -24.43 12.54
N ALA B 36 -2.76 -24.71 12.15
CA ALA B 36 -1.65 -24.73 13.10
C ALA B 36 -0.36 -24.27 12.45
N GLY B 37 0.63 -24.00 13.29
CA GLY B 37 1.94 -23.63 12.81
C GLY B 37 1.99 -22.33 12.02
N ILE B 38 3.04 -22.20 11.22
CA ILE B 38 3.22 -20.96 10.48
C ILE B 38 2.11 -20.77 9.44
N ALA B 39 1.46 -21.87 9.03
CA ALA B 39 0.38 -21.77 8.06
C ALA B 39 -0.72 -20.82 8.53
N VAL B 40 -0.96 -20.76 9.84
CA VAL B 40 -1.98 -19.87 10.38
C VAL B 40 -1.71 -18.42 9.98
N LEU B 41 -0.44 -18.04 10.02
CA LEU B 41 -0.05 -16.67 9.70
C LEU B 41 -0.28 -16.36 8.21
N PHE B 42 0.01 -17.34 7.35
CA PHE B 42 -0.30 -17.21 5.92
C PHE B 42 -1.80 -17.07 5.69
N LYS B 43 -2.58 -17.88 6.37
CA LYS B 43 -4.03 -17.82 6.24
C LYS B 43 -4.55 -16.45 6.66
N LYS B 44 -4.12 -16.01 7.83
CA LYS B 44 -4.59 -14.72 8.36
C LYS B 44 -4.16 -13.55 7.50
N LYS B 45 -2.95 -13.59 6.98
CA LYS B 45 -2.48 -12.45 6.22
C LYS B 45 -3.00 -12.41 4.78
N PHE B 46 -2.88 -13.52 4.08
CA PHE B 46 -3.14 -13.53 2.65
C PHE B 46 -4.53 -13.99 2.28
N GLY B 47 -5.24 -14.61 3.22
CA GLY B 47 -6.58 -15.05 2.93
C GLY B 47 -6.64 -15.99 1.73
N GLY B 48 -7.63 -15.81 0.88
CA GLY B 48 -7.75 -16.59 -0.34
C GLY B 48 -7.99 -18.07 -0.10
N VAL B 49 -8.60 -18.42 1.05
CA VAL B 49 -8.77 -19.83 1.37
C VAL B 49 -9.60 -20.53 0.28
N GLN B 50 -10.73 -19.95 -0.09
CA GLN B 50 -11.52 -20.53 -1.16
C GLN B 50 -10.82 -20.48 -2.52
N GLU B 51 -10.06 -19.43 -2.77
CA GLU B 51 -9.26 -19.37 -3.99
C GLU B 51 -8.30 -20.53 -4.07
N LEU B 52 -7.67 -20.87 -2.94
CA LEU B 52 -6.76 -22.01 -2.91
C LEU B 52 -7.52 -23.31 -3.18
N LEU B 53 -8.64 -23.49 -2.49
CA LEU B 53 -9.46 -24.68 -2.68
C LEU B 53 -9.85 -24.81 -4.17
N ASN B 54 -10.18 -23.70 -4.81
CA ASN B 54 -10.65 -23.74 -6.18
C ASN B 54 -9.57 -24.17 -7.17
N GLN B 55 -8.31 -24.13 -6.77
CA GLN B 55 -7.23 -24.58 -7.64
C GLN B 55 -7.12 -26.10 -7.69
N GLN B 56 -7.74 -26.75 -6.71
CA GLN B 56 -7.84 -28.20 -6.68
C GLN B 56 -6.51 -28.87 -6.93
N LYS B 57 -5.50 -28.41 -6.20
CA LYS B 57 -4.16 -28.99 -6.26
C LYS B 57 -3.99 -30.20 -5.33
N LYS B 58 -3.17 -31.15 -5.78
CA LYS B 58 -2.96 -32.40 -5.07
C LYS B 58 -1.55 -32.51 -4.53
N SER B 59 -1.33 -33.53 -3.70
CA SER B 59 0.00 -33.81 -3.17
C SER B 59 1.03 -33.80 -4.28
N GLY B 60 2.13 -33.08 -4.07
CA GLY B 60 3.20 -32.99 -5.05
C GLY B 60 3.06 -31.81 -5.99
N GLU B 61 2.03 -30.99 -5.79
CA GLU B 61 1.79 -29.82 -6.62
C GLU B 61 1.92 -28.56 -5.76
N VAL B 62 1.66 -27.40 -6.35
CA VAL B 62 1.70 -26.15 -5.60
C VAL B 62 0.50 -25.29 -5.99
N ALA B 63 -0.16 -24.71 -4.98
CA ALA B 63 -1.16 -23.69 -5.20
C ALA B 63 -0.51 -22.32 -5.01
N VAL B 64 -1.06 -21.32 -5.67
CA VAL B 64 -0.44 -20.01 -5.72
C VAL B 64 -1.46 -18.89 -5.53
N LEU B 65 -1.10 -17.90 -4.73
CA LEU B 65 -1.84 -16.64 -4.70
C LEU B 65 -0.89 -15.53 -5.09
N LYS B 66 -1.38 -14.65 -5.95
CA LYS B 66 -0.64 -13.41 -6.24
C LYS B 66 -1.12 -12.36 -5.25
N ARG B 67 -0.17 -11.80 -4.51
CA ARG B 67 -0.45 -10.81 -3.50
C ARG B 67 0.54 -9.68 -3.61
N ASP B 68 0.03 -8.48 -3.90
CA ASP B 68 0.87 -7.30 -4.08
C ASP B 68 2.11 -7.51 -4.94
N GLY B 69 1.85 -8.06 -6.13
CA GLY B 69 2.87 -8.14 -7.15
C GLY B 69 3.84 -9.28 -7.03
N ARG B 70 3.70 -10.09 -5.98
CA ARG B 70 4.56 -11.24 -5.79
C ARG B 70 3.71 -12.48 -5.50
N TYR B 71 4.36 -13.63 -5.38
CA TYR B 71 3.65 -14.90 -5.29
C TYR B 71 3.81 -15.54 -3.93
N ILE B 72 2.71 -16.10 -3.43
CA ILE B 72 2.70 -16.86 -2.20
C ILE B 72 2.44 -18.30 -2.62
N TYR B 73 3.43 -19.15 -2.39
CA TYR B 73 3.36 -20.54 -2.78
C TYR B 73 2.94 -21.43 -1.63
N TYR B 74 1.95 -22.27 -1.89
CA TYR B 74 1.37 -23.19 -0.93
C TYR B 74 1.75 -24.58 -1.47
N LEU B 75 2.85 -25.11 -0.95
CA LEU B 75 3.35 -26.40 -1.37
C LEU B 75 2.42 -27.45 -0.81
N ILE B 76 1.71 -28.15 -1.69
CA ILE B 76 0.78 -29.19 -1.28
C ILE B 76 1.55 -30.49 -1.11
N THR B 77 1.96 -30.80 0.11
CA THR B 77 2.94 -31.88 0.28
C THR B 77 2.33 -33.18 0.76
N LYS B 78 1.04 -33.16 1.06
CA LYS B 78 0.39 -34.36 1.54
C LYS B 78 -1.12 -34.18 1.45
N LYS B 79 -1.86 -35.28 1.57
CA LYS B 79 -3.31 -35.26 1.35
C LYS B 79 -4.10 -34.64 2.50
N ARG B 80 -3.78 -35.02 3.72
CA ARG B 80 -4.58 -34.57 4.85
C ARG B 80 -3.71 -33.94 5.94
N ALA B 81 -4.30 -33.01 6.68
CA ALA B 81 -3.57 -32.20 7.63
C ALA B 81 -2.81 -33.03 8.63
N SER B 82 -3.31 -34.23 8.92
CA SER B 82 -2.72 -35.07 9.97
C SER B 82 -1.68 -36.03 9.42
N HIS B 83 -1.62 -36.17 8.09
CA HIS B 83 -0.62 -37.03 7.45
C HIS B 83 0.79 -36.48 7.62
N LYS B 84 1.76 -37.29 7.20
CA LYS B 84 3.15 -36.82 7.11
C LYS B 84 3.62 -36.87 5.67
N PRO B 85 4.34 -35.83 5.26
CA PRO B 85 4.77 -35.71 3.86
C PRO B 85 5.87 -36.69 3.53
N THR B 86 5.89 -37.14 2.29
CA THR B 86 7.03 -37.91 1.81
C THR B 86 8.00 -36.94 1.15
N TYR B 87 9.28 -37.29 1.19
CA TYR B 87 10.27 -36.49 0.50
C TYR B 87 9.97 -36.41 -1.00
N GLU B 88 9.47 -37.50 -1.59
CA GLU B 88 9.15 -37.50 -3.02
C GLU B 88 8.08 -36.45 -3.36
N ASN B 89 7.04 -36.34 -2.54
CA ASN B 89 6.03 -35.34 -2.82
C ASN B 89 6.53 -33.93 -2.57
N LEU B 90 7.36 -33.75 -1.54
CA LEU B 90 7.94 -32.44 -1.28
C LEU B 90 8.75 -31.99 -2.49
N GLN B 91 9.54 -32.91 -3.03
CA GLN B 91 10.40 -32.56 -4.18
C GLN B 91 9.55 -32.14 -5.36
N LYS B 92 8.49 -32.90 -5.64
CA LYS B 92 7.59 -32.56 -6.75
C LYS B 92 6.96 -31.17 -6.54
N SER B 93 6.53 -30.87 -5.32
CA SER B 93 5.96 -29.55 -5.04
C SER B 93 7.01 -28.45 -5.25
N LEU B 94 8.24 -28.68 -4.79
CA LEU B 94 9.31 -27.72 -4.98
C LEU B 94 9.60 -27.48 -6.47
N GLU B 95 9.55 -28.56 -7.25
N GLU B 95 9.58 -28.56 -7.25
CA GLU B 95 9.81 -28.50 -8.69
CA GLU B 95 9.81 -28.44 -8.70
C GLU B 95 8.70 -27.74 -9.43
C GLU B 95 8.71 -27.61 -9.34
N ALA B 96 7.49 -27.84 -8.91
CA ALA B 96 6.35 -27.10 -9.46
C ALA B 96 6.48 -25.61 -9.10
N MET B 97 6.91 -25.31 -7.89
CA MET B 97 7.15 -23.92 -7.50
C MET B 97 8.26 -23.31 -8.37
N LYS B 98 9.36 -24.04 -8.54
N LYS B 98 9.35 -24.04 -8.53
CA LYS B 98 10.47 -23.54 -9.35
CA LYS B 98 10.48 -23.60 -9.35
C LYS B 98 10.00 -23.21 -10.77
C LYS B 98 10.03 -23.25 -10.76
N SER B 99 9.20 -24.10 -11.35
CA SER B 99 8.74 -23.88 -12.71
C SER B 99 7.94 -22.59 -12.80
N HIS B 100 7.05 -22.37 -11.83
CA HIS B 100 6.23 -21.18 -11.81
C HIS B 100 7.08 -19.91 -11.59
N CYS B 101 8.02 -19.99 -10.65
CA CYS B 101 8.96 -18.89 -10.41
C CYS B 101 9.65 -18.46 -11.69
N LEU B 102 10.19 -19.43 -12.42
CA LEU B 102 10.94 -19.11 -13.65
C LEU B 102 10.02 -18.48 -14.72
N LYS B 103 8.83 -19.05 -14.91
CA LYS B 103 7.91 -18.48 -15.89
C LYS B 103 7.56 -17.05 -15.54
N ASN B 104 7.34 -16.79 -14.26
CA ASN B 104 6.84 -15.51 -13.82
C ASN B 104 7.92 -14.53 -13.33
N GLY B 105 9.17 -14.89 -13.55
CA GLY B 105 10.27 -13.96 -13.34
C GLY B 105 10.56 -13.67 -11.89
N VAL B 106 10.27 -14.62 -11.01
CA VAL B 106 10.61 -14.49 -9.61
C VAL B 106 12.12 -14.66 -9.47
N THR B 107 12.74 -13.73 -8.75
CA THR B 107 14.18 -13.76 -8.48
C THR B 107 14.56 -13.86 -7.00
N ASP B 108 13.62 -13.54 -6.11
CA ASP B 108 13.88 -13.50 -4.65
C ASP B 108 12.73 -14.18 -3.94
N LEU B 109 13.05 -15.29 -3.27
CA LEU B 109 12.08 -16.16 -2.64
C LEU B 109 12.50 -16.36 -1.19
N SER B 110 11.54 -16.25 -0.27
CA SER B 110 11.80 -16.44 1.15
C SER B 110 10.85 -17.49 1.72
N MET B 111 11.35 -18.21 2.72
CA MET B 111 10.58 -19.30 3.30
C MET B 111 11.09 -19.60 4.68
N PRO B 112 10.27 -20.29 5.49
CA PRO B 112 10.77 -20.81 6.76
C PRO B 112 11.48 -22.15 6.55
N ARG B 113 11.82 -22.84 7.63
CA ARG B 113 12.37 -24.20 7.54
C ARG B 113 11.26 -25.21 7.19
N ILE B 114 10.82 -25.14 5.93
CA ILE B 114 9.64 -25.90 5.50
C ILE B 114 9.77 -27.40 5.74
N GLY B 115 8.68 -27.99 6.22
CA GLY B 115 8.61 -29.43 6.40
C GLY B 115 9.23 -29.96 7.69
N CYS B 116 9.95 -29.12 8.42
CA CYS B 116 10.85 -29.62 9.47
C CYS B 116 10.47 -29.17 10.86
N GLY B 117 9.26 -28.62 10.99
CA GLY B 117 8.67 -28.34 12.28
C GLY B 117 7.59 -29.38 12.55
N LEU B 118 6.34 -29.02 12.33
N LEU B 118 6.34 -28.99 12.37
CA LEU B 118 5.23 -29.92 12.63
CA LEU B 118 5.21 -29.89 12.57
C LEU B 118 5.13 -31.09 11.64
C LEU B 118 5.33 -31.15 11.72
N ASP B 119 5.78 -31.00 10.49
CA ASP B 119 5.82 -32.12 9.54
C ASP B 119 7.04 -33.04 9.70
N ARG B 120 7.91 -32.71 10.67
CA ARG B 120 8.91 -33.63 11.20
C ARG B 120 9.92 -34.21 10.21
N LEU B 121 10.12 -33.57 9.07
CA LEU B 121 11.22 -33.93 8.19
C LEU B 121 12.55 -33.38 8.73
N GLN B 122 13.67 -33.79 8.12
CA GLN B 122 14.98 -33.33 8.58
C GLN B 122 15.52 -32.21 7.68
N TRP B 123 15.94 -31.12 8.31
CA TRP B 123 16.34 -29.97 7.53
C TRP B 123 17.58 -30.26 6.69
N GLU B 124 18.47 -31.13 7.16
CA GLU B 124 19.63 -31.52 6.36
C GLU B 124 19.17 -32.00 4.99
N ASN B 125 18.13 -32.82 4.98
CA ASN B 125 17.62 -33.39 3.74
CA ASN B 125 17.61 -33.39 3.74
C ASN B 125 16.80 -32.37 2.94
N VAL B 126 16.01 -31.57 3.63
CA VAL B 126 15.16 -30.62 2.92
C VAL B 126 16.01 -29.53 2.28
N SER B 127 16.97 -29.00 3.02
CA SER B 127 17.85 -27.98 2.48
C SER B 127 18.61 -28.51 1.27
N ALA B 128 19.09 -29.76 1.32
CA ALA B 128 19.81 -30.34 0.19
C ALA B 128 18.88 -30.46 -1.01
N MET B 129 17.62 -30.81 -0.75
CA MET B 129 16.64 -30.94 -1.82
C MET B 129 16.32 -29.58 -2.48
N ILE B 130 16.13 -28.56 -1.67
CA ILE B 130 15.88 -27.22 -2.18
C ILE B 130 17.03 -26.80 -3.09
N GLU B 131 18.26 -26.99 -2.62
N GLU B 131 18.27 -26.97 -2.61
CA GLU B 131 19.43 -26.59 -3.40
CA GLU B 131 19.43 -26.62 -3.41
C GLU B 131 19.58 -27.41 -4.70
C GLU B 131 19.46 -27.38 -4.73
N GLU B 132 19.14 -28.67 -4.68
CA GLU B 132 19.16 -29.51 -5.88
C GLU B 132 18.13 -29.03 -6.89
N VAL B 133 16.91 -28.80 -6.43
CA VAL B 133 15.85 -28.38 -7.32
C VAL B 133 16.17 -27.02 -7.94
N PHE B 134 16.78 -26.13 -7.17
CA PHE B 134 16.97 -24.76 -7.61
C PHE B 134 18.35 -24.50 -8.18
N GLU B 135 19.14 -25.56 -8.35
CA GLU B 135 20.46 -25.43 -8.95
CA GLU B 135 20.46 -25.46 -8.97
C GLU B 135 20.36 -24.81 -10.33
N ALA B 136 21.25 -23.87 -10.60
CA ALA B 136 21.34 -23.26 -11.93
C ALA B 136 20.16 -22.35 -12.28
N THR B 137 19.24 -22.17 -11.36
CA THR B 137 18.34 -21.05 -11.47
C THR B 137 19.17 -19.98 -10.80
N ASP B 138 18.88 -18.74 -11.06
CA ASP B 138 19.51 -17.70 -10.29
C ASP B 138 18.42 -17.10 -9.43
N ILE B 139 17.71 -17.96 -8.71
CA ILE B 139 16.70 -17.53 -7.77
C ILE B 139 17.35 -17.53 -6.39
N LYS B 140 17.32 -16.37 -5.73
CA LYS B 140 17.94 -16.22 -4.44
C LYS B 140 16.96 -16.57 -3.32
N ILE B 141 17.30 -17.60 -2.55
CA ILE B 141 16.42 -18.12 -1.52
C ILE B 141 16.95 -17.71 -0.16
N THR B 142 16.07 -17.12 0.64
CA THR B 142 16.40 -16.80 2.01
C THR B 142 15.51 -17.64 2.92
N VAL B 143 16.14 -18.41 3.82
CA VAL B 143 15.41 -19.19 4.81
C VAL B 143 15.49 -18.47 6.13
N TYR B 144 14.33 -18.12 6.67
CA TYR B 144 14.21 -17.46 7.95
C TYR B 144 14.04 -18.51 9.03
N THR B 145 14.86 -18.39 10.06
CA THR B 145 14.90 -19.33 11.17
C THR B 145 14.69 -18.60 12.48
N LEU B 146 14.19 -19.34 13.45
CA LEU B 146 14.03 -18.79 14.78
C LEU B 146 15.20 -19.22 15.65
N ARG C 7 -24.61 21.85 4.91
CA ARG C 7 -24.14 21.05 3.79
C ARG C 7 -22.78 20.45 4.12
N ILE C 8 -21.92 21.23 4.77
CA ILE C 8 -20.64 20.73 5.27
C ILE C 8 -20.86 19.86 6.50
N THR C 9 -20.11 18.77 6.59
CA THR C 9 -20.14 17.91 7.78
C THR C 9 -18.91 18.12 8.63
N TYR C 10 -19.09 18.23 9.94
CA TYR C 10 -17.96 18.48 10.83
C TYR C 10 -17.58 17.26 11.65
N VAL C 11 -16.28 16.98 11.68
CA VAL C 11 -15.74 15.90 12.48
C VAL C 11 -14.65 16.46 13.37
N LYS C 12 -14.72 16.15 14.67
CA LYS C 12 -13.65 16.50 15.57
C LYS C 12 -12.59 15.44 15.46
N GLY C 13 -11.39 15.83 15.06
CA GLY C 13 -10.31 14.88 14.93
C GLY C 13 -9.27 15.33 13.92
N ASP C 14 -8.19 14.55 13.87
CA ASP C 14 -7.09 14.74 12.93
C ASP C 14 -7.53 14.46 11.50
N LEU C 15 -7.37 15.46 10.62
CA LEU C 15 -7.67 15.31 9.21
C LEU C 15 -7.04 14.05 8.64
N PHE C 16 -5.83 13.73 9.08
CA PHE C 16 -5.11 12.63 8.44
C PHE C 16 -5.58 11.26 8.88
N ALA C 17 -6.54 11.24 9.79
CA ALA C 17 -7.21 9.99 10.16
C ALA C 17 -8.46 9.77 9.31
N CYS C 18 -8.71 10.67 8.35
CA CYS C 18 -9.88 10.50 7.49
C CYS C 18 -9.67 9.34 6.51
N PRO C 19 -10.71 8.97 5.77
CA PRO C 19 -10.57 7.85 4.84
C PRO C 19 -9.51 8.12 3.79
N LYS C 20 -8.69 7.11 3.51
CA LYS C 20 -7.58 7.25 2.60
C LYS C 20 -8.06 7.45 1.16
N THR C 21 -9.33 7.15 0.90
CA THR C 21 -9.91 7.37 -0.43
C THR C 21 -10.51 8.77 -0.63
N ASP C 22 -10.62 9.55 0.44
CA ASP C 22 -11.11 10.94 0.34
C ASP C 22 -10.04 11.76 -0.36
N SER C 23 -10.47 12.68 -1.22
CA SER C 23 -9.57 13.72 -1.68
C SER C 23 -9.42 14.76 -0.55
N LEU C 24 -8.31 15.47 -0.54
CA LEU C 24 -7.99 16.40 0.54
C LEU C 24 -7.68 17.78 -0.04
N ALA C 25 -7.83 18.80 0.79
CA ALA C 25 -7.49 20.16 0.40
C ALA C 25 -6.86 20.95 1.54
N HIS C 26 -5.94 21.86 1.21
CA HIS C 26 -5.42 22.84 2.16
C HIS C 26 -4.83 24.00 1.38
N CYS C 27 -4.45 25.08 2.08
CA CYS C 27 -3.94 26.28 1.41
C CYS C 27 -2.44 26.45 1.52
N ILE C 28 -1.83 26.87 0.41
CA ILE C 28 -0.41 27.20 0.35
C ILE C 28 -0.20 28.45 -0.49
N SER C 29 1.06 28.87 -0.64
CA SER C 29 1.40 29.98 -1.51
C SER C 29 2.09 29.47 -2.77
N GLU C 30 2.32 30.38 -3.71
CA GLU C 30 3.04 30.07 -4.94
C GLU C 30 4.44 29.52 -4.67
N ASP C 31 5.02 29.89 -3.54
CA ASP C 31 6.35 29.38 -3.14
C ASP C 31 6.42 27.87 -2.97
N CYS C 32 5.29 27.24 -2.62
CA CYS C 32 5.28 25.80 -2.32
C CYS C 32 6.30 25.44 -1.25
N ARG C 33 6.47 26.30 -0.25
CA ARG C 33 7.46 26.04 0.80
C ARG C 33 6.91 25.11 1.86
N MET C 34 5.65 25.32 2.24
CA MET C 34 4.96 24.47 3.21
C MET C 34 5.78 24.23 4.48
N GLY C 35 6.22 25.32 5.11
CA GLY C 35 7.16 25.25 6.21
C GLY C 35 6.55 25.41 7.59
N ALA C 36 5.24 25.64 7.63
CA ALA C 36 4.53 25.85 8.88
C ALA C 36 3.11 25.30 8.81
N GLY C 37 2.51 25.06 9.97
CA GLY C 37 1.12 24.67 10.05
C GLY C 37 0.83 23.30 9.48
N ILE C 38 -0.43 23.09 9.09
CA ILE C 38 -0.85 21.79 8.60
C ILE C 38 -0.13 21.48 7.27
N ALA C 39 0.33 22.51 6.58
CA ALA C 39 1.02 22.27 5.31
C ALA C 39 2.25 21.38 5.47
N VAL C 40 2.92 21.45 6.63
CA VAL C 40 4.09 20.62 6.88
C VAL C 40 3.72 19.15 6.76
N LEU C 41 2.53 18.80 7.24
CA LEU C 41 2.07 17.41 7.18
C LEU C 41 1.78 16.97 5.75
N PHE C 42 1.22 17.86 4.94
CA PHE C 42 1.00 17.57 3.52
C PHE C 42 2.31 17.35 2.80
N LYS C 43 3.27 18.21 3.09
CA LYS C 43 4.60 18.10 2.48
C LYS C 43 5.23 16.76 2.85
N LYS C 44 5.22 16.41 4.14
CA LYS C 44 5.87 15.19 4.57
C LYS C 44 5.19 13.93 4.04
N LYS C 45 3.87 13.94 3.98
CA LYS C 45 3.18 12.74 3.57
C LYS C 45 3.18 12.55 2.03
N PHE C 46 2.85 13.60 1.30
CA PHE C 46 2.60 13.46 -0.12
C PHE C 46 3.76 13.87 -1.01
N GLY C 47 4.75 14.56 -0.45
CA GLY C 47 5.88 14.96 -1.25
C GLY C 47 5.48 15.75 -2.46
N GLY C 48 6.11 15.44 -3.59
CA GLY C 48 5.74 16.07 -4.84
C GLY C 48 6.00 17.57 -4.88
N VAL C 49 6.95 18.05 -4.10
CA VAL C 49 7.21 19.47 -4.05
C VAL C 49 7.57 20.02 -5.44
N GLN C 50 8.49 19.35 -6.15
CA GLN C 50 8.86 19.80 -7.48
C GLN C 50 7.70 19.60 -8.45
N GLU C 51 6.93 18.54 -8.27
CA GLU C 51 5.76 18.34 -9.12
C GLU C 51 4.79 19.51 -9.00
N LEU C 52 4.63 20.03 -7.79
CA LEU C 52 3.78 21.20 -7.56
C LEU C 52 4.35 22.44 -8.25
N LEU C 53 5.64 22.68 -8.02
CA LEU C 53 6.29 23.83 -8.61
C LEU C 53 6.11 23.81 -10.11
N ASN C 54 6.23 22.62 -10.69
CA ASN C 54 6.21 22.46 -12.12
C ASN C 54 4.85 22.78 -12.73
N GLN C 55 3.80 22.75 -11.91
CA GLN C 55 2.48 23.11 -12.39
C GLN C 55 2.32 24.63 -12.57
N GLN C 56 3.22 25.40 -11.95
CA GLN C 56 3.28 26.85 -12.15
C GLN C 56 1.94 27.54 -11.91
N LYS C 57 1.26 27.12 -10.86
CA LYS C 57 -0.02 27.72 -10.51
C LYS C 57 0.16 29.03 -9.74
N LYS C 58 -0.78 29.95 -9.94
CA LYS C 58 -0.71 31.28 -9.34
C LYS C 58 -1.85 31.50 -8.35
N SER C 59 -1.79 32.60 -7.61
CA SER C 59 -2.83 32.93 -6.66
C SER C 59 -4.20 32.85 -7.32
N GLY C 60 -5.13 32.17 -6.67
CA GLY C 60 -6.48 32.03 -7.20
C GLY C 60 -6.68 30.74 -7.97
N GLU C 61 -5.63 29.91 -8.01
CA GLU C 61 -5.69 28.64 -8.73
C GLU C 61 -5.46 27.47 -7.77
N VAL C 62 -5.37 26.27 -8.29
CA VAL C 62 -5.15 25.09 -7.47
C VAL C 62 -4.13 24.17 -8.16
N ALA C 63 -3.14 23.72 -7.39
CA ALA C 63 -2.25 22.66 -7.86
C ALA C 63 -2.77 21.35 -7.28
N VAL C 64 -2.45 20.26 -7.98
N VAL C 64 -2.47 20.25 -7.96
CA VAL C 64 -3.02 18.94 -7.69
CA VAL C 64 -3.05 18.95 -7.59
C VAL C 64 -1.95 17.86 -7.71
C VAL C 64 -2.07 17.80 -7.77
N LEU C 65 -2.01 16.93 -6.76
CA LEU C 65 -1.25 15.69 -6.84
C LEU C 65 -2.24 14.54 -6.76
N LYS C 66 -2.02 13.52 -7.59
CA LYS C 66 -2.76 12.27 -7.47
C LYS C 66 -1.96 11.33 -6.58
N ARG C 67 -2.58 10.88 -5.49
CA ARG C 67 -1.90 10.04 -4.53
C ARG C 67 -2.84 8.92 -4.14
N ASP C 68 -2.44 7.68 -4.41
CA ASP C 68 -3.26 6.51 -4.13
C ASP C 68 -4.73 6.62 -4.56
N GLY C 69 -4.89 7.06 -5.79
CA GLY C 69 -6.19 7.01 -6.43
C GLY C 69 -7.11 8.18 -6.16
N ARG C 70 -6.68 9.11 -5.30
CA ARG C 70 -7.45 10.30 -4.97
C ARG C 70 -6.59 11.54 -5.14
N TYR C 71 -7.18 12.72 -4.97
CA TYR C 71 -6.48 13.97 -5.26
C TYR C 71 -6.20 14.76 -4.02
N ILE C 72 -5.01 15.35 -3.99
CA ILE C 72 -4.61 16.27 -2.95
C ILE C 72 -4.55 17.66 -3.59
N TYR C 73 -5.41 18.53 -3.12
CA TYR C 73 -5.56 19.88 -3.65
C TYR C 73 -4.78 20.89 -2.82
N TYR C 74 -3.94 21.63 -3.52
CA TYR C 74 -3.13 22.68 -2.94
C TYR C 74 -3.70 24.01 -3.44
N LEU C 75 -4.56 24.63 -2.63
CA LEU C 75 -5.19 25.89 -3.01
C LEU C 75 -4.13 26.98 -2.94
N ILE C 76 -3.79 27.56 -4.09
CA ILE C 76 -2.76 28.59 -4.13
C ILE C 76 -3.45 29.92 -3.89
N THR C 77 -3.45 30.39 -2.65
CA THR C 77 -4.29 31.53 -2.26
C THR C 77 -3.54 32.85 -2.16
N LYS C 78 -2.25 32.84 -2.46
CA LYS C 78 -1.41 34.01 -2.24
C LYS C 78 -0.02 33.77 -2.82
N LYS C 79 0.75 34.84 -2.98
CA LYS C 79 2.02 34.75 -3.68
C LYS C 79 3.17 34.21 -2.84
N ARG C 80 3.31 34.70 -1.61
CA ARG C 80 4.46 34.33 -0.77
C ARG C 80 4.03 33.70 0.55
N ALA C 81 4.86 32.82 1.08
CA ALA C 81 4.55 32.12 2.33
C ALA C 81 4.16 33.10 3.43
N SER C 82 4.94 34.17 3.55
CA SER C 82 4.75 35.14 4.63
C SER C 82 3.50 35.99 4.47
N HIS C 83 2.80 35.83 3.36
CA HIS C 83 1.64 36.66 3.06
C HIS C 83 0.36 36.10 3.69
N LYS C 84 -0.69 36.91 3.70
CA LYS C 84 -2.02 36.47 4.07
C LYS C 84 -2.89 36.53 2.82
N PRO C 85 -3.86 35.62 2.70
CA PRO C 85 -4.69 35.54 1.51
C PRO C 85 -5.85 36.53 1.54
N THR C 86 -6.36 36.89 0.37
CA THR C 86 -7.62 37.62 0.30
C THR C 86 -8.75 36.62 0.09
N TYR C 87 -9.95 37.01 0.53
CA TYR C 87 -11.12 36.17 0.34
C TYR C 87 -11.39 35.93 -1.14
N GLU C 88 -11.03 36.91 -1.98
CA GLU C 88 -11.28 36.83 -3.41
C GLU C 88 -10.46 35.70 -4.03
N ASN C 89 -9.17 35.65 -3.72
N ASN C 89 -9.16 35.69 -3.72
CA ASN C 89 -8.31 34.60 -4.26
CA ASN C 89 -8.28 34.62 -4.19
C ASN C 89 -8.65 33.23 -3.67
C ASN C 89 -8.77 33.27 -3.71
N LEU C 90 -9.10 33.20 -2.42
CA LEU C 90 -9.52 31.93 -1.83
C LEU C 90 -10.70 31.39 -2.62
N GLN C 91 -11.67 32.26 -2.92
CA GLN C 91 -12.86 31.80 -3.64
C GLN C 91 -12.50 31.28 -5.03
N LYS C 92 -11.59 31.97 -5.71
CA LYS C 92 -11.13 31.53 -7.03
C LYS C 92 -10.49 30.14 -6.91
N SER C 93 -9.68 29.93 -5.89
CA SER C 93 -8.98 28.66 -5.73
C SER C 93 -9.99 27.55 -5.47
N LEU C 94 -11.00 27.87 -4.66
CA LEU C 94 -12.06 26.89 -4.37
C LEU C 94 -12.85 26.52 -5.63
N GLU C 95 -13.14 27.50 -6.49
CA GLU C 95 -13.85 27.24 -7.74
C GLU C 95 -13.03 26.35 -8.69
N ALA C 96 -11.72 26.55 -8.72
CA ALA C 96 -10.86 25.73 -9.57
C ALA C 96 -10.81 24.29 -9.07
N MET C 97 -10.80 24.14 -7.74
CA MET C 97 -10.84 22.80 -7.15
C MET C 97 -12.16 22.10 -7.51
N LYS C 98 -13.26 22.84 -7.39
CA LYS C 98 -14.58 22.31 -7.73
C LYS C 98 -14.61 21.76 -9.15
N SER C 99 -14.06 22.54 -10.09
N SER C 99 -14.05 22.55 -10.07
CA SER C 99 -14.06 22.13 -11.49
CA SER C 99 -14.02 22.19 -11.48
C SER C 99 -13.27 20.85 -11.68
C SER C 99 -13.26 20.88 -11.68
N HIS C 100 -12.13 20.76 -11.00
CA HIS C 100 -11.30 19.57 -11.11
C HIS C 100 -12.02 18.38 -10.50
N CYS C 101 -12.65 18.57 -9.33
CA CYS C 101 -13.41 17.51 -8.69
C CYS C 101 -14.46 16.94 -9.66
N LEU C 102 -15.22 17.83 -10.27
CA LEU C 102 -16.29 17.40 -11.16
C LEU C 102 -15.74 16.67 -12.39
N LYS C 103 -14.62 17.14 -12.90
CA LYS C 103 -14.04 16.58 -14.11
C LYS C 103 -13.45 15.20 -13.85
N ASN C 104 -13.03 14.95 -12.62
CA ASN C 104 -12.28 13.75 -12.30
C ASN C 104 -13.00 12.83 -11.33
N GLY C 105 -14.28 13.08 -11.13
CA GLY C 105 -15.15 12.15 -10.43
C GLY C 105 -14.96 12.10 -8.93
N VAL C 106 -14.52 13.21 -8.34
CA VAL C 106 -14.35 13.27 -6.90
C VAL C 106 -15.72 13.50 -6.27
N THR C 107 -16.06 12.67 -5.30
CA THR C 107 -17.34 12.79 -4.62
C THR C 107 -17.23 13.05 -3.12
N ASP C 108 -16.05 12.77 -2.56
CA ASP C 108 -15.83 12.88 -1.12
C ASP C 108 -14.53 13.64 -0.85
N LEU C 109 -14.65 14.82 -0.27
CA LEU C 109 -13.53 15.72 -0.09
C LEU C 109 -13.42 16.15 1.39
N SER C 110 -12.22 16.04 1.95
CA SER C 110 -11.98 16.41 3.35
C SER C 110 -10.93 17.50 3.47
N MET C 111 -11.07 18.34 4.49
CA MET C 111 -10.16 19.46 4.68
C MET C 111 -10.18 19.93 6.13
N PRO C 112 -9.17 20.71 6.52
CA PRO C 112 -9.19 21.37 7.83
C PRO C 112 -9.97 22.67 7.71
N ARG C 113 -9.91 23.53 8.71
CA ARG C 113 -10.55 24.85 8.62
C ARG C 113 -9.64 25.77 7.82
N ILE C 114 -9.64 25.57 6.51
CA ILE C 114 -8.71 26.24 5.61
C ILE C 114 -8.77 27.76 5.73
N GLY C 115 -7.59 28.37 5.75
CA GLY C 115 -7.46 29.82 5.77
C GLY C 115 -7.66 30.49 7.12
N CYS C 116 -8.10 29.74 8.14
CA CYS C 116 -8.54 30.36 9.38
C CYS C 116 -7.66 30.08 10.59
N GLY C 117 -6.48 29.52 10.34
CA GLY C 117 -5.48 29.37 11.39
C GLY C 117 -4.39 30.40 11.16
N LEU C 118 -3.24 29.93 10.69
CA LEU C 118 -2.11 30.83 10.45
C LEU C 118 -2.46 31.95 9.49
N ASP C 119 -3.41 31.71 8.59
CA ASP C 119 -3.75 32.70 7.56
C ASP C 119 -4.85 33.67 8.00
N ARG C 120 -5.37 33.47 9.21
CA ARG C 120 -6.12 34.50 9.93
C ARG C 120 -7.49 34.87 9.39
N LEU C 121 -8.02 34.10 8.44
CA LEU C 121 -9.36 34.37 7.94
C LEU C 121 -10.38 33.93 8.99
N GLN C 122 -11.65 34.22 8.72
CA GLN C 122 -12.72 33.94 9.67
C GLN C 122 -13.56 32.76 9.16
N TRP C 123 -13.78 31.76 10.00
CA TRP C 123 -14.43 30.54 9.53
C TRP C 123 -15.88 30.76 9.14
N GLU C 124 -16.54 31.71 9.81
CA GLU C 124 -17.92 31.99 9.44
C GLU C 124 -17.95 32.36 7.96
N ASN C 125 -16.96 33.15 7.53
CA ASN C 125 -16.88 33.61 6.15
C ASN C 125 -16.48 32.49 5.21
N VAL C 126 -15.44 31.75 5.59
CA VAL C 126 -14.91 30.70 4.73
C VAL C 126 -15.91 29.55 4.55
N SER C 127 -16.53 29.12 5.65
CA SER C 127 -17.53 28.06 5.58
C SER C 127 -18.66 28.47 4.64
N ALA C 128 -19.08 29.74 4.74
CA ALA C 128 -20.12 30.26 3.87
C ALA C 128 -19.68 30.24 2.41
N MET C 129 -18.42 30.60 2.18
CA MET C 129 -17.87 30.60 0.83
C MET C 129 -17.84 29.19 0.23
N ILE C 130 -17.37 28.22 1.01
CA ILE C 130 -17.31 26.84 0.54
C ILE C 130 -18.68 26.32 0.13
N GLU C 131 -19.69 26.55 0.98
CA GLU C 131 -21.03 26.06 0.69
C GLU C 131 -21.59 26.73 -0.55
N GLU C 132 -21.26 28.00 -0.75
CA GLU C 132 -21.66 28.74 -1.93
C GLU C 132 -21.05 28.15 -3.20
N VAL C 133 -19.74 27.94 -3.18
CA VAL C 133 -19.04 27.42 -4.35
C VAL C 133 -19.53 26.01 -4.71
N PHE C 134 -19.75 25.18 -3.71
CA PHE C 134 -20.11 23.79 -3.96
C PHE C 134 -21.60 23.48 -3.93
N GLU C 135 -22.41 24.53 -3.92
N GLU C 135 -22.45 24.51 -3.92
CA GLU C 135 -23.86 24.41 -3.77
CA GLU C 135 -23.89 24.26 -3.96
C GLU C 135 -24.50 23.54 -4.84
C GLU C 135 -24.27 23.52 -5.23
N ALA C 136 -24.18 23.81 -6.11
N ALA C 136 -25.05 22.45 -5.08
CA ALA C 136 -24.82 23.12 -7.21
CA ALA C 136 -25.60 21.70 -6.20
C ALA C 136 -24.08 21.85 -7.59
C ALA C 136 -24.62 20.78 -6.92
N THR C 137 -23.46 21.20 -6.61
N THR C 137 -23.44 20.55 -6.32
CA THR C 137 -22.80 19.93 -6.84
CA THR C 137 -22.40 19.74 -6.96
C THR C 137 -23.20 18.94 -5.75
C THR C 137 -22.43 18.26 -6.59
N ASP C 138 -22.92 17.66 -5.99
N ASP C 138 -23.12 17.93 -5.51
CA ASP C 138 -23.14 16.61 -5.01
CA ASP C 138 -23.15 16.56 -4.98
C ASP C 138 -21.81 16.10 -4.47
C ASP C 138 -21.76 16.09 -4.56
N ILE C 139 -20.92 17.03 -4.16
CA ILE C 139 -19.62 16.68 -3.56
C ILE C 139 -19.78 16.85 -2.06
N LYS C 140 -19.46 15.81 -1.32
CA LYS C 140 -19.61 15.84 0.12
CA LYS C 140 -19.61 15.84 0.12
C LYS C 140 -18.31 16.28 0.81
N ILE C 141 -18.39 17.39 1.53
CA ILE C 141 -17.23 17.95 2.20
C ILE C 141 -17.28 17.70 3.70
N THR C 142 -16.20 17.16 4.23
CA THR C 142 -16.04 16.97 5.68
C THR C 142 -14.89 17.85 6.17
N VAL C 143 -15.17 18.66 7.19
CA VAL C 143 -14.17 19.54 7.78
C VAL C 143 -13.74 18.98 9.12
N TYR C 144 -12.44 18.74 9.26
CA TYR C 144 -11.88 18.21 10.48
C TYR C 144 -11.33 19.33 11.34
N THR C 145 -11.66 19.29 12.64
CA THR C 145 -11.17 20.26 13.61
C THR C 145 -10.59 19.51 14.79
N LEU C 146 -9.40 19.91 15.24
CA LEU C 146 -8.76 19.20 16.35
C LEU C 146 -9.55 19.36 17.64
N ARG D 7 -21.74 -24.01 6.79
CA ARG D 7 -20.90 -23.40 5.75
C ARG D 7 -20.34 -22.03 6.17
N ILE D 8 -20.90 -21.46 7.22
CA ILE D 8 -20.28 -20.31 7.86
C ILE D 8 -19.17 -20.84 8.75
N THR D 9 -18.04 -20.17 8.73
CA THR D 9 -16.95 -20.44 9.67
C THR D 9 -16.86 -19.28 10.66
N TYR D 10 -16.73 -19.62 11.94
CA TYR D 10 -16.66 -18.61 12.98
C TYR D 10 -15.23 -18.40 13.48
N VAL D 11 -14.84 -17.13 13.56
CA VAL D 11 -13.53 -16.77 14.10
C VAL D 11 -13.75 -15.74 15.17
N LYS D 12 -13.11 -15.97 16.31
CA LYS D 12 -13.19 -15.08 17.45
C LYS D 12 -12.17 -13.98 17.30
N GLY D 13 -12.67 -12.74 17.20
CA GLY D 13 -11.82 -11.57 17.09
C GLY D 13 -12.45 -10.45 16.29
N ASP D 14 -11.69 -9.37 16.14
CA ASP D 14 -12.05 -8.22 15.35
C ASP D 14 -12.15 -8.52 13.85
N LEU D 15 -13.27 -8.15 13.24
CA LEU D 15 -13.44 -8.29 11.80
C LEU D 15 -12.32 -7.64 11.02
N PHE D 16 -11.83 -6.51 11.52
CA PHE D 16 -10.88 -5.72 10.75
C PHE D 16 -9.47 -6.27 10.79
N ALA D 17 -9.29 -7.39 11.49
CA ALA D 17 -8.04 -8.16 11.46
C ALA D 17 -8.10 -9.27 10.41
N CYS D 18 -9.22 -9.40 9.72
CA CYS D 18 -9.34 -10.42 8.68
C CYS D 18 -8.44 -10.08 7.48
N PRO D 19 -8.27 -11.03 6.56
CA PRO D 19 -7.39 -10.77 5.42
C PRO D 19 -7.87 -9.57 4.61
N LYS D 20 -6.92 -8.72 4.20
CA LYS D 20 -7.28 -7.52 3.46
CA LYS D 20 -7.25 -7.52 3.45
C LYS D 20 -7.88 -7.83 2.09
N THR D 21 -7.66 -9.05 1.59
CA THR D 21 -8.23 -9.45 0.29
C THR D 21 -9.66 -10.01 0.37
N ASP D 22 -10.14 -10.25 1.58
CA ASP D 22 -11.53 -10.68 1.74
C ASP D 22 -12.44 -9.52 1.40
N SER D 23 -13.59 -9.82 0.80
CA SER D 23 -14.65 -8.83 0.71
C SER D 23 -15.36 -8.80 2.07
N LEU D 24 -16.05 -7.70 2.37
CA LEU D 24 -16.64 -7.46 3.69
C LEU D 24 -18.11 -7.04 3.53
N ALA D 25 -18.90 -7.31 4.57
CA ALA D 25 -20.31 -6.91 4.56
C ALA D 25 -20.76 -6.40 5.91
N HIS D 26 -21.68 -5.43 5.89
CA HIS D 26 -22.39 -5.01 7.09
C HIS D 26 -23.69 -4.30 6.70
N CYS D 27 -24.52 -3.98 7.71
CA CYS D 27 -25.84 -3.40 7.45
C CYS D 27 -25.96 -1.92 7.75
N ILE D 28 -26.63 -1.21 6.85
CA ILE D 28 -26.89 0.22 7.05
C ILE D 28 -28.29 0.54 6.54
N SER D 29 -28.67 1.82 6.64
CA SER D 29 -29.95 2.29 6.12
C SER D 29 -29.76 3.11 4.85
N GLU D 30 -30.86 3.46 4.21
CA GLU D 30 -30.79 4.31 3.01
C GLU D 30 -30.13 5.65 3.32
N ASP D 31 -30.17 6.08 4.58
CA ASP D 31 -29.59 7.36 5.00
C ASP D 31 -28.06 7.41 4.85
N CYS D 32 -27.41 6.26 4.99
N CYS D 32 -27.43 6.25 5.01
CA CYS D 32 -25.95 6.17 4.90
CA CYS D 32 -25.99 6.16 4.92
C CYS D 32 -25.25 6.99 5.99
C CYS D 32 -25.35 7.11 5.93
N ARG D 33 -25.91 7.12 7.13
CA ARG D 33 -25.41 7.95 8.23
C ARG D 33 -24.22 7.27 8.93
N MET D 34 -24.34 5.97 9.15
CA MET D 34 -23.29 5.17 9.77
C MET D 34 -22.72 5.85 11.03
N GLY D 35 -23.64 6.19 11.94
CA GLY D 35 -23.30 6.99 13.10
C GLY D 35 -23.10 6.21 14.39
N ALA D 36 -23.36 4.91 14.35
CA ALA D 36 -23.22 4.08 15.54
C ALA D 36 -22.78 2.67 15.16
N GLY D 37 -22.29 1.92 16.15
CA GLY D 37 -21.93 0.54 15.96
C GLY D 37 -20.75 0.33 15.02
N ILE D 38 -20.68 -0.87 14.46
CA ILE D 38 -19.55 -1.22 13.58
C ILE D 38 -19.59 -0.38 12.32
N ALA D 39 -20.75 0.16 11.98
CA ALA D 39 -20.84 1.00 10.79
C ALA D 39 -19.88 2.18 10.85
N VAL D 40 -19.64 2.70 12.04
CA VAL D 40 -18.71 3.83 12.18
C VAL D 40 -17.34 3.44 11.65
N LEU D 41 -16.93 2.19 11.89
CA LEU D 41 -15.60 1.75 11.48
C LEU D 41 -15.53 1.65 9.96
N PHE D 42 -16.60 1.14 9.35
CA PHE D 42 -16.65 1.09 7.89
C PHE D 42 -16.60 2.47 7.28
N LYS D 43 -17.34 3.41 7.87
CA LYS D 43 -17.35 4.78 7.38
C LYS D 43 -15.95 5.39 7.47
N LYS D 44 -15.32 5.27 8.63
CA LYS D 44 -14.01 5.88 8.82
C LYS D 44 -12.92 5.25 7.97
N LYS D 45 -13.03 3.94 7.72
N LYS D 45 -13.00 3.94 7.74
CA LYS D 45 -11.98 3.21 7.01
CA LYS D 45 -11.95 3.28 6.99
C LYS D 45 -12.10 3.31 5.49
C LYS D 45 -12.13 3.48 5.49
N PHE D 46 -13.32 3.17 4.99
CA PHE D 46 -13.52 3.06 3.55
C PHE D 46 -14.09 4.32 2.92
N GLY D 47 -14.61 5.23 3.74
CA GLY D 47 -15.19 6.44 3.20
C GLY D 47 -16.25 6.18 2.15
N GLY D 48 -16.19 6.93 1.07
CA GLY D 48 -17.09 6.73 -0.05
C GLY D 48 -18.55 7.00 0.30
N VAL D 49 -18.82 7.87 1.26
CA VAL D 49 -20.20 8.11 1.68
C VAL D 49 -21.03 8.65 0.50
N GLN D 50 -20.54 9.65 -0.22
CA GLN D 50 -21.27 10.17 -1.36
C GLN D 50 -21.34 9.16 -2.50
N GLU D 51 -20.29 8.33 -2.63
N GLU D 51 -20.30 8.31 -2.60
CA GLU D 51 -20.30 7.29 -3.64
CA GLU D 51 -20.25 7.28 -3.63
C GLU D 51 -21.50 6.40 -3.38
C GLU D 51 -21.30 6.19 -3.38
N LEU D 52 -21.70 6.05 -2.11
CA LEU D 52 -22.76 5.16 -1.74
C LEU D 52 -24.10 5.83 -2.02
N LEU D 53 -24.22 7.10 -1.62
CA LEU D 53 -25.48 7.81 -1.84
C LEU D 53 -25.83 7.89 -3.32
N ASN D 54 -24.83 8.05 -4.16
CA ASN D 54 -25.04 8.16 -5.59
C ASN D 54 -25.59 6.88 -6.22
N GLN D 55 -25.44 5.75 -5.54
CA GLN D 55 -25.98 4.48 -6.04
C GLN D 55 -27.48 4.38 -5.84
N GLN D 56 -28.04 5.22 -4.97
CA GLN D 56 -29.50 5.37 -4.83
C GLN D 56 -30.16 4.04 -4.52
N LYS D 57 -29.54 3.28 -3.62
CA LYS D 57 -30.04 1.95 -3.28
C LYS D 57 -31.11 2.05 -2.19
N LYS D 58 -32.07 1.14 -2.24
CA LYS D 58 -33.21 1.18 -1.35
C LYS D 58 -33.24 -0.07 -0.48
N SER D 59 -34.12 -0.06 0.52
N SER D 59 -34.14 -0.08 0.51
CA SER D 59 -34.29 -1.22 1.40
CA SER D 59 -34.28 -1.22 1.41
C SER D 59 -34.44 -2.50 0.59
C SER D 59 -34.46 -2.51 0.61
N GLY D 60 -33.68 -3.52 0.98
CA GLY D 60 -33.69 -4.80 0.29
C GLY D 60 -32.65 -4.90 -0.80
N GLU D 61 -31.83 -3.85 -0.97
CA GLU D 61 -30.78 -3.84 -1.98
C GLU D 61 -29.41 -3.76 -1.31
N VAL D 62 -28.36 -3.63 -2.11
CA VAL D 62 -27.02 -3.54 -1.55
C VAL D 62 -26.24 -2.50 -2.33
N ALA D 63 -25.51 -1.66 -1.60
CA ALA D 63 -24.57 -0.72 -2.21
C ALA D 63 -23.18 -1.30 -2.04
N VAL D 64 -22.28 -0.94 -2.94
CA VAL D 64 -20.96 -1.56 -2.94
CA VAL D 64 -20.96 -1.57 -3.00
C VAL D 64 -19.86 -0.54 -3.20
N LEU D 65 -18.76 -0.70 -2.48
CA LEU D 65 -17.53 0.05 -2.78
C LEU D 65 -16.47 -0.95 -3.15
N LYS D 66 -15.67 -0.63 -4.17
CA LYS D 66 -14.47 -1.40 -4.44
C LYS D 66 -13.29 -0.72 -3.75
N ARG D 67 -12.60 -1.49 -2.93
CA ARG D 67 -11.49 -0.99 -2.12
C ARG D 67 -10.36 -2.02 -2.15
N ASP D 68 -9.24 -1.62 -2.74
CA ASP D 68 -8.06 -2.46 -2.80
C ASP D 68 -8.31 -3.88 -3.32
N GLY D 69 -9.03 -3.94 -4.44
CA GLY D 69 -9.19 -5.18 -5.17
C GLY D 69 -10.31 -6.09 -4.69
N ARG D 70 -11.02 -5.64 -3.66
CA ARG D 70 -12.11 -6.42 -3.09
C ARG D 70 -13.32 -5.53 -2.85
N TYR D 71 -14.45 -6.12 -2.48
CA TYR D 71 -15.69 -5.36 -2.35
C TYR D 71 -16.12 -5.20 -0.92
N ILE D 72 -16.66 -4.02 -0.61
CA ILE D 72 -17.24 -3.74 0.68
C ILE D 72 -18.74 -3.58 0.42
N TYR D 73 -19.55 -4.46 1.03
CA TYR D 73 -20.98 -4.51 0.80
C TYR D 73 -21.73 -3.80 1.92
N TYR D 74 -22.61 -2.89 1.52
CA TYR D 74 -23.43 -2.13 2.42
C TYR D 74 -24.86 -2.61 2.20
N LEU D 75 -25.27 -3.54 3.05
CA LEU D 75 -26.61 -4.12 2.94
C LEU D 75 -27.62 -3.09 3.40
N ILE D 76 -28.49 -2.64 2.48
CA ILE D 76 -29.42 -1.56 2.78
C ILE D 76 -30.68 -2.25 3.27
N THR D 77 -30.82 -2.40 4.58
CA THR D 77 -31.86 -3.27 5.15
C THR D 77 -33.08 -2.52 5.66
N LYS D 78 -33.06 -1.20 5.56
CA LYS D 78 -34.14 -0.40 6.10
C LYS D 78 -34.01 1.04 5.63
N LYS D 79 -35.05 1.84 5.86
CA LYS D 79 -35.07 3.18 5.29
C LYS D 79 -34.28 4.21 6.08
N ARG D 80 -34.48 4.26 7.39
CA ARG D 80 -33.86 5.31 8.20
C ARG D 80 -32.91 4.72 9.24
N ALA D 81 -31.94 5.53 9.64
CA ALA D 81 -30.89 5.08 10.54
C ALA D 81 -31.44 4.57 11.87
N SER D 82 -32.56 5.15 12.30
CA SER D 82 -33.13 4.81 13.58
C SER D 82 -34.09 3.60 13.53
N HIS D 83 -34.34 3.08 12.34
CA HIS D 83 -35.25 1.94 12.20
C HIS D 83 -34.60 0.62 12.55
N LYS D 84 -35.45 -0.38 12.77
CA LYS D 84 -35.02 -1.76 12.85
C LYS D 84 -35.42 -2.40 11.54
N PRO D 85 -34.61 -3.34 11.05
CA PRO D 85 -34.86 -4.01 9.77
C PRO D 85 -35.89 -5.12 9.87
N THR D 86 -36.52 -5.45 8.75
CA THR D 86 -37.29 -6.68 8.70
C THR D 86 -36.41 -7.79 8.16
N TYR D 87 -36.71 -9.02 8.55
CA TYR D 87 -36.00 -10.17 8.03
C TYR D 87 -36.18 -10.26 6.52
N GLU D 88 -37.35 -9.88 6.04
CA GLU D 88 -37.66 -9.97 4.62
C GLU D 88 -36.70 -9.10 3.83
N ASN D 89 -36.50 -7.88 4.31
CA ASN D 89 -35.57 -6.96 3.64
C ASN D 89 -34.11 -7.39 3.78
N LEU D 90 -33.72 -7.90 4.95
CA LEU D 90 -32.36 -8.41 5.09
C LEU D 90 -32.16 -9.53 4.08
N GLN D 91 -33.15 -10.39 3.92
CA GLN D 91 -32.97 -11.51 2.99
C GLN D 91 -32.79 -11.02 1.55
N LYS D 92 -33.57 -10.02 1.13
CA LYS D 92 -33.41 -9.46 -0.21
C LYS D 92 -32.02 -8.84 -0.38
N SER D 93 -31.55 -8.13 0.64
CA SER D 93 -30.22 -7.50 0.58
C SER D 93 -29.13 -8.57 0.47
N LEU D 94 -29.28 -9.65 1.22
CA LEU D 94 -28.30 -10.74 1.16
C LEU D 94 -28.27 -11.38 -0.22
N GLU D 95 -29.44 -11.55 -0.82
CA GLU D 95 -29.53 -12.09 -2.16
C GLU D 95 -28.88 -11.19 -3.18
N ALA D 96 -29.04 -9.87 -3.02
CA ALA D 96 -28.40 -8.92 -3.92
C ALA D 96 -26.88 -8.98 -3.78
N MET D 97 -26.39 -9.14 -2.55
CA MET D 97 -24.95 -9.28 -2.34
C MET D 97 -24.43 -10.58 -2.96
N LYS D 98 -25.19 -11.66 -2.79
CA LYS D 98 -24.79 -12.96 -3.36
C LYS D 98 -24.66 -12.86 -4.86
N SER D 99 -25.64 -12.22 -5.50
N SER D 99 -25.64 -12.23 -5.50
CA SER D 99 -25.62 -12.08 -6.95
CA SER D 99 -25.65 -12.04 -6.94
C SER D 99 -24.40 -11.28 -7.41
C SER D 99 -24.40 -11.30 -7.40
N HIS D 100 -24.06 -10.22 -6.68
CA HIS D 100 -22.91 -9.42 -7.01
C HIS D 100 -21.63 -10.24 -6.83
N CYS D 101 -21.53 -10.96 -5.72
CA CYS D 101 -20.35 -11.79 -5.46
C CYS D 101 -20.14 -12.76 -6.61
N LEU D 102 -21.22 -13.41 -7.04
CA LEU D 102 -21.10 -14.45 -8.06
C LEU D 102 -20.70 -13.86 -9.40
N LYS D 103 -21.29 -12.71 -9.70
N LYS D 103 -21.03 -12.59 -9.61
CA LYS D 103 -21.07 -12.07 -10.98
CA LYS D 103 -20.67 -11.90 -10.86
C LYS D 103 -19.60 -11.78 -11.11
C LYS D 103 -19.39 -11.05 -10.81
N ASN D 104 -19.01 -11.37 -10.00
N ASN D 104 -18.69 -11.02 -9.68
CA ASN D 104 -17.66 -10.81 -10.03
CA ASN D 104 -17.48 -10.20 -9.58
C ASN D 104 -16.58 -11.74 -9.50
C ASN D 104 -16.28 -10.90 -8.95
N GLY D 105 -16.95 -12.99 -9.19
N GLY D 105 -16.23 -12.22 -9.06
CA GLY D 105 -15.97 -13.96 -8.75
CA GLY D 105 -15.07 -12.98 -8.65
C GLY D 105 -15.37 -13.59 -7.40
C GLY D 105 -15.12 -13.54 -7.25
N VAL D 106 -16.25 -13.38 -6.43
N VAL D 106 -15.82 -12.83 -6.35
CA VAL D 106 -15.85 -13.16 -5.05
CA VAL D 106 -15.70 -13.02 -4.91
C VAL D 106 -15.91 -14.51 -4.38
C VAL D 106 -15.83 -14.47 -4.48
N THR D 107 -14.81 -14.92 -3.75
CA THR D 107 -14.73 -16.26 -3.21
C THR D 107 -14.63 -16.30 -1.69
N ASP D 108 -14.19 -15.20 -1.06
CA ASP D 108 -13.97 -15.16 0.39
C ASP D 108 -14.58 -13.88 0.94
N LEU D 109 -15.58 -14.03 1.81
CA LEU D 109 -16.38 -12.92 2.30
C LEU D 109 -16.42 -12.98 3.83
N SER D 110 -16.17 -11.86 4.49
CA SER D 110 -16.18 -11.80 5.95
C SER D 110 -17.14 -10.76 6.47
N MET D 111 -17.73 -11.02 7.63
CA MET D 111 -18.72 -10.11 8.17
C MET D 111 -18.79 -10.29 9.68
N PRO D 112 -19.37 -9.30 10.39
CA PRO D 112 -19.70 -9.48 11.80
C PRO D 112 -21.06 -10.20 11.93
N ARG D 113 -21.62 -10.28 13.12
CA ARG D 113 -22.95 -10.86 13.31
CA ARG D 113 -22.94 -10.86 13.30
C ARG D 113 -23.99 -9.83 12.90
N ILE D 114 -24.12 -9.65 11.59
CA ILE D 114 -24.94 -8.58 11.01
C ILE D 114 -26.38 -8.64 11.50
N GLY D 115 -26.92 -7.46 11.80
CA GLY D 115 -28.30 -7.31 12.19
C GLY D 115 -28.60 -7.63 13.65
N CYS D 116 -27.63 -8.20 14.37
CA CYS D 116 -27.90 -8.81 15.67
C CYS D 116 -27.29 -8.10 16.86
N GLY D 117 -26.84 -6.88 16.65
CA GLY D 117 -26.41 -6.03 17.75
C GLY D 117 -27.42 -4.92 17.88
N LEU D 118 -27.07 -3.74 17.36
CA LEU D 118 -27.97 -2.60 17.47
C LEU D 118 -29.30 -2.86 16.78
N ASP D 119 -29.31 -3.71 15.75
CA ASP D 119 -30.56 -3.92 15.01
C ASP D 119 -31.45 -5.02 15.59
N ARG D 120 -30.96 -5.65 16.67
CA ARG D 120 -31.79 -6.49 17.55
C ARG D 120 -32.42 -7.73 16.91
N LEU D 121 -31.93 -8.16 15.75
CA LEU D 121 -32.36 -9.45 15.20
C LEU D 121 -31.67 -10.57 15.98
N GLN D 122 -32.06 -11.82 15.73
CA GLN D 122 -31.52 -12.95 16.47
C GLN D 122 -30.57 -13.70 15.56
N TRP D 123 -29.36 -13.97 16.05
CA TRP D 123 -28.34 -14.60 15.22
C TRP D 123 -28.75 -15.99 14.73
N GLU D 124 -29.52 -16.72 15.53
CA GLU D 124 -29.99 -18.03 15.11
CA GLU D 124 -30.00 -18.02 15.11
C GLU D 124 -30.74 -17.92 13.78
N ASN D 125 -31.54 -16.87 13.65
N ASN D 125 -31.54 -16.87 13.62
CA ASN D 125 -32.32 -16.61 12.45
CA ASN D 125 -32.29 -16.67 12.39
C ASN D 125 -31.47 -16.11 11.29
C ASN D 125 -31.49 -16.07 11.25
N VAL D 126 -30.60 -15.13 11.58
CA VAL D 126 -29.79 -14.50 10.55
C VAL D 126 -28.80 -15.52 9.99
N SER D 127 -28.15 -16.29 10.86
CA SER D 127 -27.21 -17.28 10.38
C SER D 127 -27.88 -18.29 9.46
N ALA D 128 -29.08 -18.73 9.80
CA ALA D 128 -29.79 -19.69 8.97
C ALA D 128 -30.10 -19.06 7.60
N MET D 129 -30.41 -17.78 7.60
CA MET D 129 -30.77 -17.08 6.37
C MET D 129 -29.54 -16.91 5.48
N ILE D 130 -28.41 -16.58 6.08
CA ILE D 130 -27.18 -16.47 5.31
C ILE D 130 -26.89 -17.81 4.66
N GLU D 131 -26.97 -18.89 5.42
CA GLU D 131 -26.68 -20.23 4.93
CA GLU D 131 -26.64 -20.20 4.88
C GLU D 131 -27.63 -20.61 3.79
N GLU D 132 -28.90 -20.25 3.94
CA GLU D 132 -29.89 -20.52 2.88
C GLU D 132 -29.57 -19.73 1.61
N VAL D 133 -29.29 -18.45 1.75
CA VAL D 133 -29.02 -17.63 0.59
C VAL D 133 -27.77 -18.13 -0.15
N PHE D 134 -26.73 -18.46 0.60
CA PHE D 134 -25.42 -18.80 0.00
C PHE D 134 -25.19 -20.30 -0.17
N GLU D 135 -26.23 -21.09 0.09
CA GLU D 135 -26.11 -22.55 0.08
CA GLU D 135 -26.14 -22.55 0.07
C GLU D 135 -25.47 -23.09 -1.19
N ALA D 136 -25.93 -22.64 -2.35
CA ALA D 136 -25.47 -23.25 -3.61
C ALA D 136 -24.15 -22.68 -4.13
N THR D 137 -23.61 -21.73 -3.38
CA THR D 137 -22.43 -21.04 -3.86
C THR D 137 -21.18 -21.65 -3.24
N ASP D 138 -20.05 -21.40 -3.88
CA ASP D 138 -18.79 -21.78 -3.27
C ASP D 138 -18.12 -20.54 -2.73
N ILE D 139 -18.90 -19.69 -2.06
CA ILE D 139 -18.35 -18.50 -1.44
C ILE D 139 -18.15 -18.81 0.04
N LYS D 140 -16.92 -18.66 0.51
CA LYS D 140 -16.58 -18.99 1.88
C LYS D 140 -16.81 -17.79 2.80
N ILE D 141 -17.72 -17.95 3.75
CA ILE D 141 -18.11 -16.87 4.62
C ILE D 141 -17.54 -17.09 6.02
N THR D 142 -16.85 -16.09 6.53
CA THR D 142 -16.30 -16.10 7.87
C THR D 142 -17.00 -15.03 8.68
N VAL D 143 -17.59 -15.42 9.81
CA VAL D 143 -18.21 -14.48 10.73
C VAL D 143 -17.28 -14.25 11.92
N TYR D 144 -16.94 -13.00 12.14
CA TYR D 144 -16.08 -12.60 13.23
C TYR D 144 -16.92 -12.19 14.42
N THR D 145 -16.59 -12.74 15.57
CA THR D 145 -17.33 -12.51 16.80
C THR D 145 -16.32 -12.07 17.83
N LEU D 146 -16.61 -11.00 18.55
CA LEU D 146 -15.67 -10.51 19.55
C LEU D 146 -15.50 -11.51 20.69
#